data_2GED
#
_entry.id   2GED
#
_cell.length_a   74.996
_cell.length_b   74.996
_cell.length_c   158.475
_cell.angle_alpha   90.00
_cell.angle_beta   90.00
_cell.angle_gamma   120.00
#
_symmetry.space_group_name_H-M   'P 61'
#
loop_
_entity.id
_entity.type
_entity.pdbx_description
1 polymer 'Signal recognition particle receptor beta subunit'
2 non-polymer 'SULFATE ION'
3 water water
#
_entity_poly.entity_id   1
_entity_poly.type   'polypeptide(L)'
_entity_poly.pdbx_seq_one_letter_code
;HMDGFKFANLEASVVAFEGSINKRKISQWREWIDEKLGGGSGGGGSYQPSIIIAGPQNSGKTSLLTLLTTDSVRPTVVSQ
EPLSAADYDGSGVTLVDFPGHVKLRYKLSDYLKTRAKFVKGLIFMVDSTVDPKKLTTTAEFLVDILSITESSCENGIDIL
IACNKSELFTARPPSKIKDALESEIQKVIERRK
;
_entity_poly.pdbx_strand_id   A,B
#
# COMPACT_ATOMS: atom_id res chain seq x y z
N ASP A 3 23.46 -10.40 -25.85
CA ASP A 3 22.09 -10.39 -26.39
C ASP A 3 21.00 -10.02 -25.32
N GLY A 4 19.75 -10.37 -25.60
CA GLY A 4 18.61 -9.67 -24.97
C GLY A 4 18.30 -10.08 -23.50
N PHE A 5 17.30 -9.45 -22.89
CA PHE A 5 16.62 -9.99 -21.71
C PHE A 5 16.04 -11.38 -21.98
N LYS A 6 16.30 -12.32 -21.07
CA LYS A 6 15.67 -13.64 -21.05
C LYS A 6 15.18 -13.98 -19.64
N PHE A 7 13.96 -14.50 -19.52
CA PHE A 7 13.45 -14.91 -18.21
C PHE A 7 14.40 -15.89 -17.58
N ALA A 8 14.96 -16.71 -18.48
CA ALA A 8 15.92 -17.78 -18.16
C ALA A 8 17.11 -17.30 -17.31
N ASN A 9 17.58 -16.08 -17.61
CA ASN A 9 18.70 -15.52 -16.89
C ASN A 9 18.38 -14.70 -15.65
N LEU A 10 17.12 -14.64 -15.22
CA LEU A 10 16.78 -13.94 -13.96
C LEU A 10 17.36 -14.77 -12.86
N GLU A 11 17.43 -14.20 -11.67
CA GLU A 11 17.88 -14.91 -10.52
C GLU A 11 16.89 -15.98 -10.06
N ALA A 12 15.59 -15.65 -10.14
CA ALA A 12 14.57 -16.56 -9.68
C ALA A 12 14.13 -17.50 -10.80
N SER A 13 13.32 -18.51 -10.46
CA SER A 13 12.66 -19.31 -11.48
C SER A 13 11.46 -18.59 -12.01
N VAL A 14 11.09 -18.87 -13.26
CA VAL A 14 9.93 -18.31 -13.88
C VAL A 14 9.27 -19.40 -14.66
N VAL A 15 8.01 -19.73 -14.35
CA VAL A 15 7.22 -20.63 -15.21
C VAL A 15 5.96 -19.90 -15.68
N ALA A 16 5.34 -20.42 -16.73
CA ALA A 16 4.12 -19.88 -17.34
C ALA A 16 3.14 -21.02 -17.49
N PHE A 17 1.94 -20.93 -16.86
CA PHE A 17 0.84 -21.88 -17.03
C PHE A 17 -0.48 -21.22 -17.39
N GLU A 18 -1.26 -21.89 -18.24
CA GLU A 18 -2.55 -21.44 -18.61
C GLU A 18 -3.57 -21.77 -17.52
N GLY A 19 -4.65 -20.99 -17.49
CA GLY A 19 -5.82 -21.24 -16.60
C GLY A 19 -7.01 -20.42 -17.06
N SER A 20 -8.14 -20.64 -16.39
CA SER A 20 -9.41 -20.00 -16.75
C SER A 20 -10.21 -19.73 -15.51
N ILE A 21 -10.30 -18.45 -15.17
CA ILE A 21 -11.15 -17.96 -14.09
C ILE A 21 -12.64 -18.24 -14.38
N ASN A 22 -13.07 -17.97 -15.59
CA ASN A 22 -14.53 -18.06 -15.89
C ASN A 22 -15.01 -19.50 -15.70
N LYS A 23 -14.18 -20.45 -16.17
CA LYS A 23 -14.51 -21.87 -16.09
C LYS A 23 -13.91 -22.62 -14.88
N ARG A 24 -13.30 -21.88 -13.95
CA ARG A 24 -12.64 -22.44 -12.79
C ARG A 24 -11.69 -23.56 -13.12
N LYS A 25 -10.93 -23.41 -14.19
CA LYS A 25 -9.90 -24.38 -14.45
C LYS A 25 -8.59 -23.76 -14.04
N ILE A 26 -8.15 -23.99 -12.82
CA ILE A 26 -6.90 -23.39 -12.28
C ILE A 26 -5.96 -24.42 -11.58
N SER A 27 -6.06 -25.68 -11.99
CA SER A 27 -5.29 -26.75 -11.32
C SER A 27 -3.79 -26.58 -11.35
N GLN A 28 -3.19 -26.29 -12.49
CA GLN A 28 -1.78 -25.90 -12.51
C GLN A 28 -1.39 -24.71 -11.61
N TRP A 29 -2.25 -23.69 -11.53
CA TRP A 29 -1.89 -22.52 -10.71
C TRP A 29 -1.89 -22.94 -9.28
N ARG A 30 -2.90 -23.69 -8.88
CA ARG A 30 -2.97 -24.26 -7.50
C ARG A 30 -1.86 -25.18 -7.12
N GLU A 31 -1.50 -26.05 -8.04
CA GLU A 31 -0.29 -26.88 -7.83
C GLU A 31 0.91 -26.01 -7.49
N TRP A 32 1.22 -25.03 -8.35
CA TRP A 32 2.29 -24.08 -8.08
C TRP A 32 2.17 -23.42 -6.72
N ILE A 33 1.01 -22.90 -6.38
CA ILE A 33 0.74 -22.15 -5.14
C ILE A 33 0.95 -23.10 -3.91
N ASP A 34 0.40 -24.32 -4.01
CA ASP A 34 0.54 -25.32 -2.95
C ASP A 34 1.98 -25.74 -2.83
N GLU A 35 2.69 -25.85 -3.93
CA GLU A 35 4.10 -26.12 -3.80
C GLU A 35 4.87 -25.00 -3.08
N LYS A 36 4.60 -23.74 -3.40
CA LYS A 36 5.30 -22.64 -2.70
C LYS A 36 4.83 -22.46 -1.28
N LEU A 37 3.53 -22.59 -1.04
CA LEU A 37 3.00 -22.34 0.31
C LEU A 37 3.19 -23.55 1.31
N SER A 46 8.17 -15.70 12.78
CA SER A 46 7.38 -14.41 12.84
C SER A 46 6.15 -14.39 11.92
N TYR A 47 6.20 -15.23 10.88
CA TYR A 47 5.28 -15.15 9.74
C TYR A 47 4.98 -16.53 9.13
N GLN A 48 3.75 -16.65 8.59
CA GLN A 48 3.38 -17.77 7.72
C GLN A 48 3.75 -17.49 6.24
N PRO A 49 4.07 -18.54 5.44
CA PRO A 49 4.33 -18.32 4.01
C PRO A 49 3.22 -17.54 3.33
N SER A 50 3.63 -16.69 2.38
CA SER A 50 2.69 -15.96 1.51
C SER A 50 3.14 -16.05 0.07
N ILE A 51 2.22 -15.83 -0.87
CA ILE A 51 2.58 -15.45 -2.22
C ILE A 51 2.01 -14.06 -2.48
N ILE A 52 2.47 -13.38 -3.53
CA ILE A 52 1.87 -12.09 -3.99
C ILE A 52 1.19 -12.28 -5.32
N ILE A 53 -0.02 -11.74 -5.41
CA ILE A 53 -0.78 -11.67 -6.66
C ILE A 53 -0.67 -10.25 -7.26
N ALA A 54 -0.15 -10.17 -8.48
CA ALA A 54 0.22 -8.92 -9.12
C ALA A 54 -0.51 -8.77 -10.46
N GLY A 55 -1.19 -7.66 -10.67
CA GLY A 55 -1.81 -7.41 -11.94
C GLY A 55 -2.67 -6.13 -11.93
N PRO A 56 -2.89 -5.57 -13.11
CA PRO A 56 -3.72 -4.33 -13.15
C PRO A 56 -5.20 -4.62 -12.87
N GLN A 57 -5.99 -3.53 -12.89
CA GLN A 57 -7.45 -3.64 -12.73
C GLN A 57 -7.97 -4.55 -13.85
N ASN A 58 -8.97 -5.35 -13.49
CA ASN A 58 -9.58 -6.33 -14.38
C ASN A 58 -8.65 -7.48 -14.85
N SER A 59 -7.57 -7.78 -14.10
CA SER A 59 -6.61 -8.89 -14.47
C SER A 59 -7.03 -10.27 -13.89
N GLY A 60 -8.08 -10.24 -13.05
CA GLY A 60 -8.68 -11.41 -12.44
C GLY A 60 -8.30 -11.71 -11.02
N LYS A 61 -7.69 -10.77 -10.35
CA LYS A 61 -7.14 -11.09 -8.99
C LYS A 61 -8.17 -11.38 -7.92
N THR A 62 -9.21 -10.55 -7.90
CA THR A 62 -10.25 -10.73 -6.92
C THR A 62 -10.92 -12.06 -7.16
N SER A 63 -11.28 -12.33 -8.39
CA SER A 63 -11.82 -13.67 -8.77
C SER A 63 -10.89 -14.86 -8.36
N LEU A 64 -9.59 -14.68 -8.58
CA LEU A 64 -8.63 -15.69 -8.19
C LEU A 64 -8.67 -15.88 -6.67
N LEU A 65 -8.69 -14.79 -5.91
CA LEU A 65 -8.76 -14.93 -4.47
C LEU A 65 -10.03 -15.66 -3.99
N THR A 66 -11.18 -15.37 -4.57
CA THR A 66 -12.46 -16.03 -4.19
C THR A 66 -12.32 -17.54 -4.44
N LEU A 67 -11.78 -17.94 -5.59
CA LEU A 67 -11.63 -19.37 -5.90
C LEU A 67 -10.72 -20.04 -4.90
N LEU A 68 -9.58 -19.40 -4.62
CA LEU A 68 -8.60 -19.98 -3.72
C LEU A 68 -9.15 -20.12 -2.27
N THR A 69 -10.05 -19.24 -1.86
CA THR A 69 -10.57 -19.25 -0.49
C THR A 69 -11.86 -20.10 -0.37
N THR A 70 -12.72 -20.03 -1.40
CA THR A 70 -14.03 -20.66 -1.43
C THR A 70 -14.01 -22.09 -2.01
N ASP A 71 -13.34 -22.25 -3.15
CA ASP A 71 -13.54 -23.42 -3.99
C ASP A 71 -12.43 -24.45 -3.79
N SER A 72 -11.88 -24.51 -2.60
CA SER A 72 -10.93 -25.57 -2.23
C SER A 72 -11.60 -26.44 -1.16
N VAL A 73 -11.16 -27.68 -1.00
CA VAL A 73 -11.81 -28.53 0.00
C VAL A 73 -11.43 -28.10 1.42
N ARG A 74 -10.22 -27.52 1.59
CA ARG A 74 -9.74 -27.10 2.91
C ARG A 74 -9.54 -25.59 2.95
N ASP A 87 3.18 -8.47 16.92
CA ASP A 87 3.19 -8.79 15.48
C ASP A 87 3.51 -7.56 14.59
N TYR A 88 2.74 -6.48 14.81
CA TYR A 88 2.82 -5.25 13.97
C TYR A 88 4.24 -4.69 13.84
N ASP A 89 4.62 -4.40 12.60
CA ASP A 89 5.93 -3.90 12.28
C ASP A 89 5.75 -2.65 11.42
N GLY A 90 6.28 -1.53 11.91
CA GLY A 90 6.03 -0.21 11.32
C GLY A 90 7.06 0.27 10.33
N SER A 91 7.92 -0.65 9.90
CA SER A 91 9.06 -0.32 9.06
C SER A 91 8.56 0.17 7.70
N GLY A 92 8.96 1.40 7.37
CA GLY A 92 8.57 2.09 6.13
C GLY A 92 7.13 2.61 6.04
N VAL A 93 6.35 2.46 7.09
CA VAL A 93 4.94 2.89 7.14
C VAL A 93 4.85 4.41 7.47
N THR A 94 4.20 5.13 6.57
CA THR A 94 3.85 6.53 6.77
C THR A 94 2.34 6.75 7.12
N LEU A 95 1.50 5.75 6.93
CA LEU A 95 0.04 5.88 7.02
C LEU A 95 -0.48 4.51 7.43
N VAL A 96 -1.19 4.43 8.55
CA VAL A 96 -1.76 3.16 9.06
C VAL A 96 -3.08 3.43 9.79
N ASP A 97 -4.10 2.59 9.63
CA ASP A 97 -5.40 2.82 10.24
C ASP A 97 -5.57 2.14 11.58
N PHE A 98 -6.60 2.57 12.29
CA PHE A 98 -6.95 2.01 13.62
C PHE A 98 -8.46 1.90 13.67
N PRO A 99 -8.99 0.79 14.20
CA PRO A 99 -8.28 -0.34 14.86
C PRO A 99 -7.60 -1.38 13.94
N GLY A 100 -7.72 -1.24 12.62
CA GLY A 100 -7.43 -2.36 11.71
C GLY A 100 -5.94 -2.58 11.52
N HIS A 101 -5.16 -1.53 11.70
CA HIS A 101 -3.68 -1.59 11.44
C HIS A 101 -3.41 -1.83 9.97
N VAL A 102 -4.30 -1.32 9.12
CA VAL A 102 -4.10 -1.41 7.67
C VAL A 102 -3.04 -0.35 7.23
N LYS A 103 -1.91 -0.83 6.69
CA LYS A 103 -0.88 -0.01 6.10
C LYS A 103 -1.29 0.45 4.72
N LEU A 104 -1.22 1.76 4.54
CA LEU A 104 -1.47 2.40 3.29
C LEU A 104 -0.12 2.78 2.63
N ARG A 105 -0.08 2.84 1.30
CA ARG A 105 1.16 3.09 0.54
C ARG A 105 2.28 2.17 1.02
N TYR A 106 1.90 0.95 1.38
CA TYR A 106 2.87 -0.04 1.80
C TYR A 106 3.67 -0.54 0.54
N LYS A 107 4.96 -0.20 0.55
CA LYS A 107 5.90 -0.51 -0.51
C LYS A 107 6.19 -2.01 -0.59
N LEU A 108 6.14 -2.50 -1.82
CA LEU A 108 6.59 -3.88 -2.14
C LEU A 108 7.94 -4.19 -1.52
N SER A 109 8.88 -3.25 -1.63
CA SER A 109 10.23 -3.45 -1.11
C SER A 109 10.24 -3.63 0.37
N ASP A 110 9.34 -2.96 1.12
CA ASP A 110 9.30 -3.15 2.59
C ASP A 110 8.61 -4.42 3.02
N TYR A 111 7.52 -4.74 2.34
CA TYR A 111 6.85 -6.01 2.57
C TYR A 111 7.85 -7.12 2.39
N LEU A 112 8.67 -7.03 1.35
CA LEU A 112 9.64 -8.11 1.09
C LEU A 112 10.76 -8.13 2.12
N LYS A 113 11.27 -6.97 2.49
CA LYS A 113 12.31 -6.86 3.53
C LYS A 113 11.84 -7.39 4.88
N THR A 114 10.61 -7.07 5.26
CA THR A 114 10.14 -7.46 6.59
C THR A 114 9.85 -8.97 6.67
N ARG A 115 9.20 -9.54 5.65
CA ARG A 115 8.86 -10.97 5.63
C ARG A 115 9.95 -11.88 5.09
N ALA A 116 10.92 -11.29 4.40
CA ALA A 116 12.11 -11.98 3.95
C ALA A 116 11.75 -13.35 3.42
N LYS A 117 12.17 -14.39 4.11
CA LYS A 117 12.08 -15.74 3.58
C LYS A 117 10.68 -16.37 3.65
N PHE A 118 9.75 -15.71 4.32
CA PHE A 118 8.39 -16.19 4.32
C PHE A 118 7.61 -15.93 3.01
N VAL A 119 8.13 -15.01 2.15
CA VAL A 119 7.52 -14.74 0.84
C VAL A 119 8.04 -15.73 -0.17
N LYS A 120 7.13 -16.51 -0.73
CA LYS A 120 7.55 -17.70 -1.43
C LYS A 120 7.46 -17.62 -2.94
N GLY A 121 6.64 -16.69 -3.43
CA GLY A 121 6.54 -16.50 -4.85
C GLY A 121 5.67 -15.34 -5.21
N LEU A 122 5.63 -15.02 -6.50
CA LEU A 122 4.82 -13.95 -7.03
C LEU A 122 4.14 -14.37 -8.32
N ILE A 123 2.80 -14.13 -8.45
CA ILE A 123 2.04 -14.39 -9.66
C ILE A 123 1.72 -13.11 -10.41
N PHE A 124 2.00 -13.08 -11.71
CA PHE A 124 1.58 -12.04 -12.61
C PHE A 124 0.39 -12.58 -13.36
N MET A 125 -0.76 -11.91 -13.20
CA MET A 125 -1.97 -12.28 -13.94
C MET A 125 -1.89 -11.59 -15.30
N VAL A 126 -1.82 -12.37 -16.36
CA VAL A 126 -1.84 -11.81 -17.73
C VAL A 126 -2.85 -12.57 -18.56
N ASP A 127 -3.09 -12.04 -19.73
CA ASP A 127 -4.21 -12.46 -20.59
C ASP A 127 -3.59 -13.23 -21.74
N SER A 128 -4.06 -14.45 -21.99
CA SER A 128 -3.53 -15.27 -23.06
C SER A 128 -3.85 -14.73 -24.47
N THR A 129 -4.72 -13.74 -24.56
CA THR A 129 -5.25 -13.19 -25.82
C THR A 129 -4.78 -11.73 -26.08
N VAL A 130 -3.85 -11.23 -25.24
CA VAL A 130 -3.06 -10.00 -25.45
C VAL A 130 -2.92 -9.55 -26.95
N ASP A 131 -3.22 -8.27 -27.22
CA ASP A 131 -2.87 -7.63 -28.49
C ASP A 131 -1.58 -6.85 -28.29
N PRO A 132 -0.94 -6.40 -29.36
CA PRO A 132 0.37 -5.71 -29.22
C PRO A 132 0.42 -4.52 -28.25
N LYS A 133 -0.71 -3.89 -28.02
CA LYS A 133 -0.77 -2.71 -27.16
C LYS A 133 -0.77 -3.11 -25.70
N LYS A 134 -1.70 -3.98 -25.34
CA LYS A 134 -1.83 -4.52 -23.99
C LYS A 134 -0.50 -5.13 -23.49
N LEU A 135 0.17 -5.89 -24.38
CA LEU A 135 1.58 -6.35 -24.23
C LEU A 135 2.59 -5.31 -23.69
N THR A 136 2.59 -4.11 -24.23
CA THR A 136 3.58 -3.12 -23.78
C THR A 136 3.41 -2.68 -22.36
N THR A 137 2.18 -2.38 -21.99
CA THR A 137 1.84 -1.89 -20.65
C THR A 137 2.04 -3.00 -19.55
N THR A 138 1.79 -4.27 -19.94
CA THR A 138 2.05 -5.44 -19.13
C THR A 138 3.56 -5.63 -18.90
N ALA A 139 4.34 -5.56 -19.98
CA ALA A 139 5.82 -5.69 -19.90
C ALA A 139 6.41 -4.61 -18.99
N GLU A 140 5.83 -3.42 -19.00
CA GLU A 140 6.33 -2.37 -18.12
C GLU A 140 6.01 -2.67 -16.65
N PHE A 141 4.85 -3.25 -16.39
CA PHE A 141 4.46 -3.63 -15.01
C PHE A 141 5.41 -4.77 -14.54
N LEU A 142 5.73 -5.74 -15.42
CA LEU A 142 6.69 -6.82 -15.06
C LEU A 142 8.05 -6.27 -14.74
N VAL A 143 8.53 -5.29 -15.52
CA VAL A 143 9.86 -4.71 -15.30
C VAL A 143 9.91 -4.08 -13.92
N ASP A 144 8.97 -3.20 -13.66
CA ASP A 144 8.80 -2.57 -12.35
C ASP A 144 8.86 -3.52 -11.18
N ILE A 145 7.97 -4.51 -11.18
CA ILE A 145 7.86 -5.49 -10.07
C ILE A 145 9.12 -6.40 -10.05
N LEU A 146 9.52 -6.98 -11.15
CA LEU A 146 10.74 -7.82 -11.17
C LEU A 146 12.04 -7.08 -10.73
N SER A 147 12.15 -5.81 -11.06
CA SER A 147 13.29 -5.03 -10.59
C SER A 147 13.36 -4.98 -9.07
N ILE A 148 12.21 -4.93 -8.41
CA ILE A 148 12.14 -4.99 -6.96
C ILE A 148 12.36 -6.43 -6.41
N THR A 149 11.65 -7.43 -6.93
CA THR A 149 11.80 -8.78 -6.39
C THR A 149 13.23 -9.27 -6.55
N GLU A 150 13.77 -9.02 -7.72
CA GLU A 150 15.08 -9.57 -8.02
C GLU A 150 16.20 -8.94 -7.13
N SER A 151 16.04 -7.67 -6.71
CA SER A 151 17.05 -7.04 -5.88
C SER A 151 16.84 -7.23 -4.42
N SER A 152 15.70 -7.84 -4.05
CA SER A 152 15.27 -8.00 -2.65
C SER A 152 16.11 -9.01 -1.89
N CYS A 153 16.71 -9.97 -2.60
CA CYS A 153 17.48 -11.02 -1.99
C CYS A 153 18.21 -11.86 -3.02
N GLU A 154 19.10 -12.71 -2.53
CA GLU A 154 19.85 -13.62 -3.42
C GLU A 154 18.86 -14.62 -4.00
N ASN A 155 18.90 -14.85 -5.28
CA ASN A 155 17.88 -15.75 -5.85
C ASN A 155 16.49 -15.11 -6.14
N GLY A 156 16.21 -13.88 -5.73
CA GLY A 156 14.98 -13.20 -6.17
C GLY A 156 13.80 -13.94 -5.55
N ILE A 157 12.59 -13.75 -6.11
CA ILE A 157 11.36 -14.42 -5.66
C ILE A 157 10.81 -15.11 -6.89
N ASP A 158 10.49 -16.39 -6.79
CA ASP A 158 9.94 -17.18 -7.91
C ASP A 158 8.60 -16.66 -8.47
N ILE A 159 8.49 -16.73 -9.79
CA ILE A 159 7.47 -16.12 -10.56
C ILE A 159 6.62 -17.19 -11.29
N LEU A 160 5.28 -17.02 -11.20
CA LEU A 160 4.32 -17.65 -12.10
C LEU A 160 3.70 -16.60 -12.98
N ILE A 161 3.79 -16.79 -14.29
CA ILE A 161 3.01 -16.03 -15.29
C ILE A 161 1.72 -16.85 -15.52
N ALA A 162 0.64 -16.38 -14.87
CA ALA A 162 -0.66 -16.99 -14.86
C ALA A 162 -1.40 -16.49 -16.11
N CYS A 163 -1.42 -17.33 -17.14
CA CYS A 163 -1.99 -17.04 -18.44
C CYS A 163 -3.45 -17.37 -18.50
N ASN A 164 -4.25 -16.38 -18.08
CA ASN A 164 -5.72 -16.45 -17.95
C ASN A 164 -6.43 -16.41 -19.27
N LYS A 165 -7.73 -16.69 -19.19
CA LYS A 165 -8.60 -16.79 -20.38
C LYS A 165 -8.17 -17.89 -21.31
N SER A 166 -7.73 -19.01 -20.77
CA SER A 166 -7.24 -20.10 -21.63
C SER A 166 -8.35 -20.63 -22.52
N GLU A 167 -9.59 -20.48 -22.11
CA GLU A 167 -10.71 -21.05 -22.87
C GLU A 167 -11.02 -20.30 -24.20
N LEU A 168 -10.50 -19.09 -24.38
CA LEU A 168 -10.86 -18.22 -25.51
C LEU A 168 -10.30 -18.68 -26.84
N PHE A 169 -11.09 -18.54 -27.88
CA PHE A 169 -10.68 -18.99 -29.17
C PHE A 169 -9.48 -18.23 -29.69
N THR A 170 -9.24 -17.05 -29.18
CA THR A 170 -8.05 -16.23 -29.55
C THR A 170 -6.77 -16.50 -28.69
N ALA A 171 -6.89 -17.33 -27.66
CA ALA A 171 -5.80 -17.61 -26.70
C ALA A 171 -4.60 -18.29 -27.36
N ARG A 172 -3.40 -17.92 -26.90
CA ARG A 172 -2.16 -18.50 -27.34
C ARG A 172 -1.57 -19.35 -26.19
N PRO A 173 -0.73 -20.32 -26.54
CA PRO A 173 -0.10 -21.19 -25.53
C PRO A 173 0.80 -20.39 -24.52
N PRO A 174 0.84 -20.82 -23.27
CA PRO A 174 1.63 -20.07 -22.29
C PRO A 174 3.08 -19.77 -22.78
N SER A 175 3.66 -20.71 -23.50
CA SER A 175 5.07 -20.53 -23.96
C SER A 175 5.21 -19.41 -24.95
N LYS A 176 4.18 -19.18 -25.74
CA LYS A 176 4.19 -18.08 -26.68
C LYS A 176 3.87 -16.77 -25.95
N ILE A 177 3.07 -16.82 -24.90
CA ILE A 177 2.87 -15.55 -24.17
C ILE A 177 4.22 -15.20 -23.48
N LYS A 178 4.82 -16.18 -22.85
CA LYS A 178 6.09 -15.93 -22.17
C LYS A 178 7.09 -15.34 -23.16
N ASP A 179 7.23 -15.99 -24.32
CA ASP A 179 8.11 -15.49 -25.41
C ASP A 179 7.75 -14.10 -25.87
N ALA A 180 6.47 -13.77 -26.05
CA ALA A 180 6.14 -12.36 -26.40
C ALA A 180 6.42 -11.34 -25.30
N LEU A 181 6.29 -11.74 -24.07
CA LEU A 181 6.57 -10.82 -22.93
C LEU A 181 8.09 -10.49 -22.87
N GLU A 182 8.90 -11.52 -23.08
CA GLU A 182 10.37 -11.48 -23.00
C GLU A 182 10.95 -10.53 -24.05
N SER A 183 10.43 -10.64 -25.26
CA SER A 183 10.72 -9.70 -26.32
C SER A 183 10.29 -8.27 -26.06
N GLU A 184 9.08 -8.06 -25.58
CA GLU A 184 8.65 -6.71 -25.33
C GLU A 184 9.31 -6.11 -24.11
N ILE A 185 9.72 -6.94 -23.17
CA ILE A 185 10.52 -6.44 -22.04
C ILE A 185 11.91 -5.91 -22.49
N GLN A 186 12.51 -6.58 -23.45
CA GLN A 186 13.77 -6.10 -24.02
C GLN A 186 13.63 -4.72 -24.62
N LYS A 187 12.61 -4.52 -25.45
CA LYS A 187 12.26 -3.20 -25.98
C LYS A 187 11.95 -2.13 -24.94
N VAL A 188 11.36 -2.50 -23.82
CA VAL A 188 11.13 -1.52 -22.74
C VAL A 188 12.46 -1.07 -22.10
N ILE A 189 13.36 -2.02 -21.89
CA ILE A 189 14.68 -1.73 -21.38
C ILE A 189 15.40 -0.85 -22.43
N GLU A 190 15.43 -1.25 -23.70
CA GLU A 190 15.99 -0.37 -24.76
C GLU A 190 15.45 1.07 -24.70
N ARG A 191 14.14 1.24 -24.81
CA ARG A 191 13.50 2.59 -24.68
C ARG A 191 13.98 3.46 -23.49
N ARG A 192 14.68 2.89 -22.52
CA ARG A 192 15.31 3.70 -21.46
C ARG A 192 16.60 4.39 -21.99
N PHE B 5 -3.64 30.73 3.60
CA PHE B 5 -3.93 29.34 4.01
C PHE B 5 -4.17 29.37 5.48
N LYS B 6 -5.36 28.96 5.91
CA LYS B 6 -5.69 28.84 7.31
C LYS B 6 -6.30 27.49 7.56
N PHE B 7 -5.90 26.80 8.63
CA PHE B 7 -6.64 25.55 9.01
C PHE B 7 -8.18 25.82 9.14
N ALA B 8 -8.52 27.03 9.61
CA ALA B 8 -9.94 27.40 9.81
C ALA B 8 -10.73 27.41 8.51
N ASN B 9 -10.09 27.73 7.38
CA ASN B 9 -10.75 27.74 6.08
C ASN B 9 -10.87 26.38 5.39
N LEU B 10 -10.28 25.31 5.94
CA LEU B 10 -10.52 23.92 5.42
C LEU B 10 -11.98 23.55 5.59
N GLU B 11 -12.43 22.55 4.85
CA GLU B 11 -13.74 22.02 5.03
C GLU B 11 -13.82 21.19 6.31
N ALA B 12 -12.76 20.47 6.69
CA ALA B 12 -12.84 19.62 7.94
C ALA B 12 -12.47 20.42 9.17
N SER B 13 -12.76 19.88 10.35
CA SER B 13 -12.24 20.54 11.58
C SER B 13 -10.77 20.15 11.78
N VAL B 14 -9.99 21.05 12.32
CA VAL B 14 -8.60 20.81 12.67
C VAL B 14 -8.38 21.23 14.12
N VAL B 15 -8.01 20.28 15.00
CA VAL B 15 -7.64 20.61 16.38
C VAL B 15 -6.18 20.14 16.66
N ALA B 16 -5.51 20.81 17.58
CA ALA B 16 -4.15 20.40 18.00
C ALA B 16 -4.20 20.12 19.52
N PHE B 17 -3.68 18.99 20.01
CA PHE B 17 -3.61 18.71 21.45
C PHE B 17 -2.25 18.14 21.83
N GLU B 18 -1.77 18.52 23.01
CA GLU B 18 -0.53 17.96 23.56
C GLU B 18 -0.74 16.50 23.97
N GLY B 19 0.38 15.78 24.01
CA GLY B 19 0.43 14.43 24.64
C GLY B 19 1.89 13.97 24.74
N SER B 20 2.14 12.93 25.52
CA SER B 20 3.50 12.37 25.68
C SER B 20 3.41 10.87 25.52
N ILE B 21 3.87 10.38 24.39
CA ILE B 21 4.01 8.91 24.25
C ILE B 21 4.97 8.42 25.37
N ASN B 22 6.17 9.02 25.45
CA ASN B 22 7.13 8.57 26.49
C ASN B 22 6.54 8.43 27.92
N LYS B 23 5.61 9.29 28.32
CA LYS B 23 5.04 9.30 29.67
C LYS B 23 3.68 8.66 29.72
N ARG B 24 3.21 8.20 28.56
CA ARG B 24 1.86 7.62 28.47
C ARG B 24 0.78 8.55 28.99
N LYS B 25 0.91 9.84 28.71
CA LYS B 25 -0.18 10.78 28.99
C LYS B 25 -0.67 11.31 27.66
N ILE B 26 -1.69 10.62 27.12
CA ILE B 26 -2.34 10.90 25.83
C ILE B 26 -3.88 10.99 25.90
N SER B 27 -4.36 11.38 27.07
CA SER B 27 -5.83 11.52 27.30
C SER B 27 -6.63 12.37 26.35
N GLN B 28 -6.05 13.48 25.93
CA GLN B 28 -6.73 14.32 24.97
C GLN B 28 -6.80 13.73 23.54
N TRP B 29 -5.78 13.00 23.15
CA TRP B 29 -5.80 12.25 21.91
C TRP B 29 -6.88 11.19 22.03
N ARG B 30 -6.84 10.40 23.08
CA ARG B 30 -7.86 9.34 23.29
C ARG B 30 -9.26 9.78 23.32
N GLU B 31 -9.51 10.97 23.88
CA GLU B 31 -10.84 11.56 23.88
C GLU B 31 -11.28 11.85 22.45
N TRP B 32 -10.42 12.51 21.69
CA TRP B 32 -10.74 12.82 20.30
C TRP B 32 -10.96 11.56 19.53
N ILE B 33 -10.11 10.58 19.72
CA ILE B 33 -10.26 9.30 19.02
C ILE B 33 -11.61 8.67 19.36
N ASP B 34 -11.88 8.46 20.66
CA ASP B 34 -13.12 7.85 21.13
C ASP B 34 -14.34 8.63 20.58
N GLU B 35 -14.28 9.96 20.51
CA GLU B 35 -15.38 10.77 19.94
C GLU B 35 -15.58 10.54 18.43
N LYS B 36 -14.50 10.48 17.66
CA LYS B 36 -14.65 10.37 16.17
C LYS B 36 -15.13 8.98 15.82
N LEU B 37 -14.57 7.98 16.50
CA LEU B 37 -14.94 6.61 16.23
C LEU B 37 -16.38 6.29 16.64
N TYR B 47 -18.34 -2.22 6.94
CA TYR B 47 -17.20 -1.50 7.64
C TYR B 47 -17.42 -0.97 9.09
N GLN B 48 -16.39 -1.19 9.92
CA GLN B 48 -16.27 -0.58 11.25
C GLN B 48 -15.53 0.78 11.15
N PRO B 49 -15.96 1.74 11.98
CA PRO B 49 -15.31 3.04 12.02
C PRO B 49 -13.84 2.90 12.12
N SER B 50 -13.12 3.77 11.45
CA SER B 50 -11.67 3.79 11.54
C SER B 50 -11.16 5.21 11.66
N ILE B 51 -9.92 5.33 12.08
CA ILE B 51 -9.19 6.56 11.84
C ILE B 51 -7.86 6.21 11.19
N ILE B 52 -7.20 7.23 10.67
CA ILE B 52 -5.91 7.09 10.11
C ILE B 52 -4.85 7.85 10.91
N ILE B 53 -3.74 7.15 11.17
CA ILE B 53 -2.54 7.72 11.78
C ILE B 53 -1.42 7.94 10.72
N ALA B 54 -0.93 9.17 10.67
CA ALA B 54 -0.09 9.71 9.61
C ALA B 54 1.17 10.35 10.19
N GLY B 55 2.32 9.93 9.68
CA GLY B 55 3.57 10.50 10.10
C GLY B 55 4.79 9.75 9.59
N PRO B 56 5.94 10.45 9.47
CA PRO B 56 7.21 9.82 9.02
C PRO B 56 7.73 8.78 10.01
N GLN B 57 8.80 8.10 9.63
CA GLN B 57 9.46 7.15 10.50
C GLN B 57 9.91 7.93 11.73
N ASN B 58 9.77 7.30 12.88
CA ASN B 58 10.13 7.88 14.14
C ASN B 58 9.20 9.02 14.65
N SER B 59 7.95 9.04 14.23
CA SER B 59 6.95 10.03 14.72
C SER B 59 6.11 9.47 15.85
N GLY B 60 6.21 8.17 16.12
CA GLY B 60 5.60 7.58 17.27
C GLY B 60 4.34 6.80 17.00
N LYS B 61 4.11 6.48 15.72
CA LYS B 61 2.89 5.77 15.32
C LYS B 61 2.74 4.37 15.93
N THR B 62 3.85 3.62 15.94
CA THR B 62 3.87 2.27 16.48
C THR B 62 3.64 2.28 18.00
N SER B 63 4.31 3.17 18.70
CA SER B 63 4.02 3.34 20.14
C SER B 63 2.60 3.78 20.35
N LEU B 64 2.07 4.67 19.50
CA LEU B 64 0.69 5.11 19.72
C LEU B 64 -0.26 3.94 19.50
N LEU B 65 -0.07 3.16 18.45
CA LEU B 65 -0.92 1.95 18.30
C LEU B 65 -0.81 0.98 19.49
N THR B 66 0.33 0.85 20.10
CA THR B 66 0.48 -0.05 21.27
C THR B 66 -0.43 0.48 22.39
N LEU B 67 -0.34 1.79 22.66
CA LEU B 67 -1.21 2.40 23.67
C LEU B 67 -2.71 2.23 23.36
N LEU B 68 -3.12 2.28 22.10
CA LEU B 68 -4.58 2.24 21.81
C LEU B 68 -5.14 0.81 21.75
N THR B 69 -4.26 -0.13 21.42
CA THR B 69 -4.61 -1.55 21.25
C THR B 69 -4.72 -2.26 22.62
N ALA B 86 -16.31 -5.63 5.48
CA ALA B 86 -15.72 -6.95 5.80
C ALA B 86 -15.26 -7.79 4.54
N ASP B 87 -16.07 -7.85 3.48
CA ASP B 87 -15.67 -8.61 2.27
C ASP B 87 -14.56 -7.85 1.55
N TYR B 88 -13.60 -8.63 1.05
CA TYR B 88 -12.50 -8.07 0.30
C TYR B 88 -13.00 -7.23 -0.88
N ASP B 89 -12.42 -6.05 -1.04
CA ASP B 89 -12.68 -5.13 -2.15
C ASP B 89 -11.34 -4.85 -2.83
N GLY B 90 -11.24 -5.15 -4.14
CA GLY B 90 -10.05 -4.86 -4.94
C GLY B 90 -9.93 -3.61 -5.76
N SER B 91 -10.78 -2.58 -5.54
CA SER B 91 -10.64 -1.29 -6.26
C SER B 91 -9.29 -0.59 -6.00
N GLY B 92 -8.62 -0.24 -7.11
CA GLY B 92 -7.28 0.28 -7.12
C GLY B 92 -6.18 -0.67 -6.73
N VAL B 93 -6.50 -1.92 -6.48
CA VAL B 93 -5.46 -2.84 -6.05
C VAL B 93 -4.69 -3.38 -7.27
N THR B 94 -3.37 -3.27 -7.18
CA THR B 94 -2.47 -3.87 -8.15
C THR B 94 -1.58 -4.97 -7.58
N LEU B 95 -1.47 -5.05 -6.27
CA LEU B 95 -0.63 -6.03 -5.60
C LEU B 95 -1.32 -6.45 -4.27
N VAL B 96 -1.58 -7.75 -4.09
CA VAL B 96 -2.30 -8.30 -2.94
C VAL B 96 -1.78 -9.70 -2.57
N ASP B 97 -1.48 -9.92 -1.30
CA ASP B 97 -0.89 -11.19 -0.88
C ASP B 97 -1.96 -12.27 -0.50
N PHE B 98 -1.48 -13.49 -0.32
CA PHE B 98 -2.37 -14.61 -0.08
C PHE B 98 -1.55 -15.53 0.78
N PRO B 99 -2.14 -16.04 1.88
CA PRO B 99 -3.54 -16.01 2.29
C PRO B 99 -4.05 -14.70 2.91
N GLY B 100 -3.15 -13.78 3.26
CA GLY B 100 -3.50 -12.64 4.06
C GLY B 100 -4.38 -11.56 3.45
N HIS B 101 -4.45 -11.50 2.13
CA HIS B 101 -5.18 -10.44 1.46
C HIS B 101 -4.63 -9.07 1.80
N VAL B 102 -3.34 -8.97 2.11
CA VAL B 102 -2.73 -7.66 2.44
C VAL B 102 -2.47 -6.87 1.13
N LYS B 103 -3.00 -5.66 1.04
CA LYS B 103 -2.83 -4.82 -0.09
C LYS B 103 -1.54 -4.03 0.00
N LEU B 104 -0.80 -4.07 -1.13
CA LEU B 104 0.41 -3.32 -1.24
C LEU B 104 0.22 -2.11 -2.14
N ARG B 105 1.03 -1.07 -1.91
CA ARG B 105 0.83 0.23 -2.62
C ARG B 105 -0.62 0.75 -2.56
N TYR B 106 -1.33 0.51 -1.45
CA TYR B 106 -2.74 0.88 -1.37
C TYR B 106 -2.88 2.39 -1.14
N LYS B 107 -3.49 3.07 -2.11
CA LYS B 107 -3.55 4.52 -2.16
C LYS B 107 -4.55 5.07 -1.17
N LEU B 108 -4.13 6.15 -0.51
CA LEU B 108 -5.02 6.84 0.45
C LEU B 108 -6.32 7.18 -0.23
N SER B 109 -6.29 7.62 -1.50
CA SER B 109 -7.53 7.98 -2.18
C SER B 109 -8.47 6.84 -2.38
N ASP B 110 -7.92 5.61 -2.53
CA ASP B 110 -8.71 4.42 -2.68
C ASP B 110 -9.24 3.96 -1.38
N TYR B 111 -8.41 3.97 -0.33
CA TYR B 111 -8.89 3.65 1.02
C TYR B 111 -10.09 4.57 1.32
N LEU B 112 -9.94 5.85 1.06
CA LEU B 112 -11.01 6.79 1.44
C LEU B 112 -12.28 6.53 0.61
N LYS B 113 -12.10 6.30 -0.70
CA LYS B 113 -13.27 6.17 -1.60
C LYS B 113 -14.06 4.95 -1.24
N THR B 114 -13.37 3.86 -0.91
CA THR B 114 -13.94 2.55 -0.59
C THR B 114 -14.72 2.61 0.75
N ARG B 115 -14.06 3.07 1.83
CA ARG B 115 -14.69 3.14 3.17
C ARG B 115 -15.62 4.34 3.42
N ALA B 116 -15.49 5.38 2.64
CA ALA B 116 -16.37 6.56 2.70
C ALA B 116 -16.62 7.09 4.13
N LYS B 117 -17.88 7.17 4.52
CA LYS B 117 -18.27 7.71 5.81
C LYS B 117 -17.82 6.92 7.05
N PHE B 118 -17.25 5.73 6.88
CA PHE B 118 -16.76 5.04 8.03
C PHE B 118 -15.37 5.55 8.47
N VAL B 119 -14.76 6.45 7.68
CA VAL B 119 -13.45 6.98 8.06
C VAL B 119 -13.72 8.25 8.79
N LYS B 120 -13.34 8.33 10.05
CA LYS B 120 -13.87 9.40 10.91
C LYS B 120 -12.90 10.52 11.23
N GLY B 121 -11.60 10.35 10.89
CA GLY B 121 -10.57 11.25 11.33
C GLY B 121 -9.19 10.78 10.91
N LEU B 122 -8.26 11.73 10.85
CA LEU B 122 -6.86 11.45 10.60
C LEU B 122 -6.01 12.28 11.60
N ILE B 123 -5.02 11.59 12.13
CA ILE B 123 -4.06 12.13 13.09
C ILE B 123 -2.70 12.35 12.43
N PHE B 124 -2.19 13.57 12.48
CA PHE B 124 -0.85 13.88 12.09
C PHE B 124 0.03 13.86 13.35
N MET B 125 1.00 12.92 13.39
CA MET B 125 1.93 12.87 14.48
C MET B 125 3.00 13.91 14.25
N VAL B 126 3.14 14.90 15.15
CA VAL B 126 4.20 15.94 14.97
C VAL B 126 4.92 16.19 16.30
N ASP B 127 6.12 16.75 16.23
CA ASP B 127 6.96 16.95 17.41
C ASP B 127 6.67 18.34 17.94
N SER B 128 6.42 18.46 19.24
CA SER B 128 6.31 19.81 19.86
C SER B 128 7.60 20.64 19.84
N THR B 129 8.73 20.00 19.67
CA THR B 129 10.05 20.62 19.73
C THR B 129 10.47 20.66 18.26
N VAL B 130 10.29 21.75 17.58
CA VAL B 130 10.58 21.63 16.16
C VAL B 130 11.48 22.76 15.64
N ASP B 131 12.67 22.33 15.22
CA ASP B 131 13.59 23.13 14.43
C ASP B 131 12.85 23.63 13.20
N PRO B 132 13.21 24.85 12.72
CA PRO B 132 12.72 25.33 11.39
C PRO B 132 13.11 24.42 10.21
N LYS B 133 14.16 23.62 10.35
CA LYS B 133 14.45 22.55 9.36
C LYS B 133 13.28 21.58 9.19
N LYS B 134 12.90 20.97 10.30
CA LYS B 134 11.89 19.91 10.37
C LYS B 134 10.50 20.39 9.90
N LEU B 135 10.20 21.68 10.14
CA LEU B 135 8.94 22.29 9.70
C LEU B 135 8.54 22.05 8.25
N THR B 136 9.44 22.37 7.32
CA THR B 136 9.12 22.33 5.89
C THR B 136 8.73 20.94 5.43
N THR B 137 9.49 19.94 5.87
CA THR B 137 9.19 18.57 5.49
C THR B 137 7.85 18.13 6.10
N THR B 138 7.59 18.50 7.34
CA THR B 138 6.28 18.27 7.95
C THR B 138 5.10 18.98 7.22
N ALA B 139 5.27 20.25 6.93
CA ALA B 139 4.33 21.02 6.16
C ALA B 139 4.06 20.39 4.79
N GLU B 140 5.08 19.84 4.14
CA GLU B 140 4.87 19.23 2.82
C GLU B 140 4.06 17.91 2.93
N PHE B 141 4.35 17.14 3.94
CA PHE B 141 3.55 15.99 4.25
C PHE B 141 2.07 16.33 4.55
N LEU B 142 1.83 17.30 5.41
CA LEU B 142 0.41 17.73 5.69
C LEU B 142 -0.35 18.15 4.44
N VAL B 143 0.26 18.96 3.59
CA VAL B 143 -0.37 19.38 2.31
C VAL B 143 -0.70 18.23 1.39
N ASP B 144 0.25 17.33 1.26
CA ASP B 144 0.03 16.15 0.46
C ASP B 144 -1.23 15.43 0.99
N ILE B 145 -1.25 15.12 2.29
CA ILE B 145 -2.32 14.34 2.85
C ILE B 145 -3.65 15.14 2.78
N LEU B 146 -3.61 16.40 3.19
CA LEU B 146 -4.82 17.25 3.29
C LEU B 146 -5.51 17.50 1.95
N SER B 147 -4.70 17.61 0.92
CA SER B 147 -5.23 17.83 -0.39
C SER B 147 -6.00 16.60 -0.85
N ILE B 148 -5.58 15.41 -0.42
CA ILE B 148 -6.33 14.19 -0.67
C ILE B 148 -7.57 14.03 0.24
N THR B 149 -7.46 14.36 1.56
CA THR B 149 -8.64 14.17 2.47
C THR B 149 -9.74 15.17 2.11
N GLU B 150 -9.35 16.37 1.77
CA GLU B 150 -10.33 17.42 1.52
C GLU B 150 -11.08 17.19 0.20
N SER B 151 -10.36 16.64 -0.80
CA SER B 151 -10.96 16.25 -2.09
C SER B 151 -11.83 15.01 -2.04
N SER B 152 -11.75 14.23 -0.97
CA SER B 152 -12.43 12.94 -0.85
C SER B 152 -13.92 13.06 -0.68
N CYS B 153 -14.36 14.09 0.05
CA CYS B 153 -15.80 14.38 0.20
C CYS B 153 -16.05 15.77 0.67
N GLU B 154 -17.32 16.15 0.61
CA GLU B 154 -17.80 17.37 1.21
C GLU B 154 -17.43 17.41 2.71
N ASN B 155 -16.98 18.55 3.17
CA ASN B 155 -16.42 18.60 4.54
C ASN B 155 -15.14 17.70 4.86
N GLY B 156 -14.53 17.01 3.90
CA GLY B 156 -13.24 16.36 4.10
C GLY B 156 -13.19 15.38 5.27
N ILE B 157 -12.01 15.14 5.88
CA ILE B 157 -11.81 14.25 7.05
C ILE B 157 -11.25 15.12 8.22
N ASP B 158 -11.87 15.06 9.39
CA ASP B 158 -11.42 15.82 10.59
C ASP B 158 -10.01 15.44 11.00
N ILE B 159 -9.25 16.43 11.44
CA ILE B 159 -7.83 16.36 11.67
C ILE B 159 -7.53 16.61 13.14
N LEU B 160 -6.72 15.71 13.72
CA LEU B 160 -6.02 15.95 14.99
C LEU B 160 -4.52 16.15 14.72
N ILE B 161 -3.99 17.32 15.05
CA ILE B 161 -2.56 17.49 15.14
C ILE B 161 -2.10 17.03 16.52
N ALA B 162 -1.56 15.78 16.60
CA ALA B 162 -1.06 15.21 17.86
C ALA B 162 0.37 15.69 18.15
N CYS B 163 0.49 16.63 19.09
CA CYS B 163 1.74 17.34 19.41
C CYS B 163 2.46 16.58 20.49
N ASN B 164 3.39 15.75 20.05
CA ASN B 164 4.04 14.73 20.93
C ASN B 164 5.25 15.33 21.68
N LYS B 165 5.79 14.63 22.66
CA LYS B 165 6.99 15.10 23.40
C LYS B 165 6.75 16.45 24.07
N SER B 166 5.52 16.60 24.54
CA SER B 166 5.13 17.89 25.13
C SER B 166 5.76 18.07 26.53
N GLU B 167 6.26 17.00 27.11
CA GLU B 167 6.96 17.11 28.39
C GLU B 167 8.37 17.78 28.27
N LEU B 168 8.94 17.90 27.07
CA LEU B 168 10.33 18.34 26.97
C LEU B 168 10.53 19.82 27.15
N PHE B 169 11.72 20.21 27.57
CA PHE B 169 11.92 21.58 27.95
C PHE B 169 11.94 22.42 26.73
N THR B 170 12.11 21.78 25.57
CA THR B 170 12.09 22.48 24.28
C THR B 170 10.63 22.51 23.67
N ALA B 171 9.67 21.91 24.37
CA ALA B 171 8.28 21.83 23.82
C ALA B 171 7.56 23.21 23.67
N ARG B 172 6.90 23.45 22.53
CA ARG B 172 6.03 24.60 22.41
C ARG B 172 4.60 24.11 22.58
N PRO B 173 3.69 25.02 23.02
CA PRO B 173 2.29 24.64 23.19
C PRO B 173 1.60 24.40 21.84
N PRO B 174 0.59 23.53 21.85
CA PRO B 174 -0.12 23.08 20.64
C PRO B 174 -0.60 24.23 19.78
N SER B 175 -1.07 25.29 20.40
CA SER B 175 -1.50 26.49 19.61
C SER B 175 -0.36 27.08 18.80
N LYS B 176 0.86 27.08 19.33
CA LYS B 176 2.01 27.62 18.57
C LYS B 176 2.49 26.68 17.47
N ILE B 177 2.39 25.41 17.74
CA ILE B 177 2.78 24.40 16.74
C ILE B 177 1.82 24.50 15.55
N LYS B 178 0.54 24.51 15.87
CA LYS B 178 -0.47 24.72 14.86
C LYS B 178 -0.29 26.00 14.03
N ASP B 179 -0.09 27.16 14.64
CA ASP B 179 0.25 28.41 13.90
C ASP B 179 1.55 28.33 13.05
N ALA B 180 2.59 27.72 13.63
CA ALA B 180 3.83 27.47 12.87
C ALA B 180 3.58 26.65 11.65
N LEU B 181 2.82 25.58 11.77
CA LEU B 181 2.58 24.73 10.58
C LEU B 181 1.82 25.51 9.47
N GLU B 182 0.87 26.35 9.90
CA GLU B 182 -0.06 27.07 9.00
C GLU B 182 0.76 28.00 8.12
N SER B 183 1.72 28.64 8.74
CA SER B 183 2.50 29.68 8.06
C SER B 183 3.47 28.98 7.15
N GLU B 184 3.99 27.82 7.56
CA GLU B 184 4.85 27.05 6.66
C GLU B 184 4.12 26.41 5.50
N ILE B 185 2.90 25.93 5.73
CA ILE B 185 2.06 25.46 4.60
C ILE B 185 1.87 26.54 3.49
N GLN B 186 1.65 27.78 3.88
CA GLN B 186 1.45 28.86 2.95
C GLN B 186 2.70 29.01 2.06
N LYS B 187 3.86 29.03 2.68
CA LYS B 187 5.17 29.06 1.96
C LYS B 187 5.40 27.90 0.99
N VAL B 188 5.08 26.70 1.42
CA VAL B 188 5.09 25.55 0.56
C VAL B 188 4.12 25.72 -0.61
N ILE B 189 2.91 26.20 -0.35
CA ILE B 189 1.91 26.42 -1.42
C ILE B 189 2.37 27.52 -2.39
N GLU B 190 3.02 28.54 -1.84
CA GLU B 190 3.54 29.62 -2.64
C GLU B 190 4.70 29.20 -3.57
N ARG B 191 5.21 27.96 -3.45
CA ARG B 191 6.16 27.43 -4.44
C ARG B 191 5.44 26.82 -5.68
N ARG B 192 4.31 27.44 -6.05
CA ARG B 192 3.78 27.51 -7.43
C ARG B 192 4.15 28.87 -8.09
#